data_5E34
#
_entry.id   5E34
#
_cell.length_a   130.824
_cell.length_b   130.824
_cell.length_c   133.368
_cell.angle_alpha   90.00
_cell.angle_beta   90.00
_cell.angle_gamma   120.00
#
_symmetry.space_group_name_H-M   'P 6'
#
loop_
_entity.id
_entity.type
_entity.pdbx_description
1 polymer Hemagglutinin
2 polymer Hemagglutinin
3 branched 'N-acetyl-alpha-neuraminic acid-(2-3)-beta-D-galactopyranose-(1-3)-2-acetamido-2-deoxy-beta-D-glucopyranose'
4 non-polymer 2-acetamido-2-deoxy-beta-D-glucopyranose
5 water water
#
loop_
_entity_poly.entity_id
_entity_poly.type
_entity_poly.pdbx_seq_one_letter_code
_entity_poly.pdbx_strand_id
1 'polypeptide(L)'
;ADPGDQICVGYHANNSTEQVDTIMEKNITVTHAQDILEKTHNGKLCNLNGVKPLILKDCSVAGWLLGNPMCDEFLNVSEW
SYIVEKASPANGLCYPGDFNDYEELKHLLSRINHFEKIKIIPKSYWSNHETSGVSSACSYLENPSFFRNVVWLTKKDNTY
PPIKVNYTNANQKDLLVLWGIHHPNNEAEQKMIYQNLNTYVSVGTSTLNQRLVPKIATRSKVKGLSGRMDFFWTILKPND
TINFDSNGNFIAPEYAYKIVKKGDSAIMKSELEYGNCNTKCQTPIGAINSSMPFHNIHPLTIGECPKYVKSNRLVLATGL
RNAPQIEGRRRKR
;
A
2 'polypeptide(L)'
;GLFGAIAGFIEGGWQGMVDGWYGYHHSNEQGSGYAADKESTQKAIDGITNKINSIIDKMNTQFEAVGREFNNLERRIENL
NKKMEDGFLDVWTYNAELLVLMENERTLDFHDSNVKNLYEKVRLQLRDNAKELGNGCFEFYHKCDNECMESVKNGTYDYP
QYSEEARLNREEISGRLVPR
;
B
#
# COMPACT_ATOMS: atom_id res chain seq x y z
N ASP A 2 59.68 -10.69 -32.35
CA ASP A 2 58.51 -11.00 -33.18
C ASP A 2 57.26 -11.38 -32.36
N PRO A 3 56.07 -10.97 -32.84
CA PRO A 3 54.81 -11.19 -32.11
C PRO A 3 54.44 -12.65 -31.91
N GLY A 4 53.88 -12.97 -30.74
CA GLY A 4 53.43 -14.31 -30.45
C GLY A 4 51.96 -14.40 -30.10
N ASP A 5 51.54 -15.60 -29.72
CA ASP A 5 50.17 -15.82 -29.26
C ASP A 5 49.83 -14.97 -28.02
N GLN A 6 48.61 -14.43 -28.01
CA GLN A 6 48.12 -13.64 -26.88
C GLN A 6 46.89 -14.24 -26.21
N ILE A 7 46.74 -13.99 -24.91
CA ILE A 7 45.42 -14.09 -24.26
C ILE A 7 45.14 -12.78 -23.54
N CYS A 8 43.86 -12.41 -23.50
CA CYS A 8 43.46 -11.19 -22.81
C CYS A 8 42.38 -11.40 -21.73
N VAL A 9 42.33 -10.50 -20.76
CA VAL A 9 41.20 -10.46 -19.85
C VAL A 9 40.39 -9.21 -20.09
N GLY A 10 39.07 -9.38 -20.21
CA GLY A 10 38.19 -8.26 -20.45
C GLY A 10 36.81 -8.55 -19.93
N TYR A 11 35.90 -7.63 -20.20
CA TYR A 11 34.61 -7.67 -19.55
C TYR A 11 33.48 -7.24 -20.49
N HIS A 12 32.25 -7.52 -20.07
CA HIS A 12 31.11 -7.34 -20.95
C HIS A 12 30.73 -5.88 -21.22
N ALA A 13 30.26 -5.63 -22.42
CA ALA A 13 29.71 -4.34 -22.79
C ALA A 13 28.56 -4.56 -23.77
N ASN A 14 27.63 -3.61 -23.84
CA ASN A 14 26.55 -3.66 -24.82
C ASN A 14 26.04 -2.28 -25.20
N ASN A 15 24.96 -2.26 -25.96
CA ASN A 15 24.34 -0.99 -26.36
C ASN A 15 23.17 -0.69 -25.42
N SER A 16 23.52 -0.33 -24.18
CA SER A 16 22.59 -0.15 -23.07
C SER A 16 22.63 1.28 -22.54
N THR A 17 21.44 1.87 -22.38
CA THR A 17 21.29 3.27 -22.00
C THR A 17 21.00 3.37 -20.49
N GLU A 18 20.58 2.24 -19.91
CA GLU A 18 20.17 2.14 -18.51
C GLU A 18 21.15 2.81 -17.56
N GLN A 19 20.65 3.67 -16.68
CA GLN A 19 21.52 4.31 -15.69
C GLN A 19 21.12 3.92 -14.26
N VAL A 20 22.10 3.91 -13.37
CA VAL A 20 21.83 3.77 -11.94
C VAL A 20 22.63 4.83 -11.18
N ASP A 21 22.34 4.98 -9.89
CA ASP A 21 22.90 6.06 -9.08
C ASP A 21 23.73 5.51 -7.93
N THR A 22 24.64 6.34 -7.44
CA THR A 22 25.62 5.95 -6.45
C THR A 22 25.75 7.15 -5.52
N ILE A 23 26.26 6.96 -4.30
CA ILE A 23 26.42 8.09 -3.39
C ILE A 23 27.42 9.10 -3.94
N MET A 24 28.43 8.59 -4.65
CA MET A 24 29.59 9.35 -5.10
C MET A 24 29.49 9.83 -6.57
N GLU A 25 28.55 9.25 -7.31
CA GLU A 25 28.37 9.58 -8.72
C GLU A 25 26.96 9.25 -9.19
N LYS A 26 26.34 10.19 -9.91
CA LYS A 26 25.00 9.94 -10.45
C LYS A 26 25.03 9.61 -11.95
N ASN A 27 23.91 9.06 -12.44
CA ASN A 27 23.71 8.82 -13.87
C ASN A 27 24.81 7.96 -14.50
N ILE A 28 25.22 6.94 -13.77
CA ILE A 28 26.19 5.97 -14.26
C ILE A 28 25.53 5.06 -15.30
N THR A 29 25.96 5.17 -16.55
CA THR A 29 25.49 4.28 -17.60
C THR A 29 25.98 2.87 -17.32
N VAL A 30 25.06 1.93 -17.23
CA VAL A 30 25.35 0.59 -16.76
C VAL A 30 24.92 -0.44 -17.80
N THR A 31 25.22 -1.72 -17.54
CA THR A 31 25.00 -2.73 -18.55
C THR A 31 23.59 -3.29 -18.43
N HIS A 32 23.30 -3.80 -17.25
CA HIS A 32 21.98 -4.28 -16.88
C HIS A 32 21.55 -3.57 -15.59
N ALA A 33 20.24 -3.40 -15.43
CA ALA A 33 19.69 -2.76 -14.22
C ALA A 33 18.30 -3.29 -13.98
N GLN A 34 17.93 -3.41 -12.71
CA GLN A 34 16.57 -3.79 -12.37
C GLN A 34 15.86 -2.64 -11.65
N ASP A 35 14.81 -2.12 -12.27
CA ASP A 35 13.91 -1.13 -11.64
C ASP A 35 13.05 -1.86 -10.61
N ILE A 36 12.95 -1.31 -9.40
CA ILE A 36 12.19 -1.96 -8.33
C ILE A 36 11.02 -1.12 -7.80
N LEU A 37 10.74 -0.01 -8.47
CA LEU A 37 9.69 0.91 -8.08
C LEU A 37 8.56 0.90 -9.09
N GLU A 38 7.34 0.71 -8.59
CA GLU A 38 6.13 0.67 -9.41
C GLU A 38 5.45 2.03 -9.43
N LYS A 39 5.27 2.59 -10.62
CA LYS A 39 4.93 4.00 -10.77
C LYS A 39 3.67 4.25 -11.59
N THR A 40 2.90 3.18 -11.82
CA THR A 40 1.65 3.23 -12.60
C THR A 40 0.50 2.48 -11.93
N HIS A 41 -0.71 3.04 -12.05
CA HIS A 41 -1.94 2.44 -11.53
C HIS A 41 -3.07 2.58 -12.56
N ASN A 42 -4.02 1.65 -12.56
CA ASN A 42 -5.13 1.73 -13.50
C ASN A 42 -6.10 2.89 -13.30
N GLY A 43 -6.00 3.59 -12.16
CA GLY A 43 -6.81 4.76 -11.92
C GLY A 43 -8.30 4.48 -11.65
N LYS A 44 -8.58 3.30 -11.10
CA LYS A 44 -9.92 2.80 -11.01
C LYS A 44 -10.15 2.18 -9.63
N LEU A 45 -11.39 2.27 -9.13
CA LEU A 45 -11.73 1.62 -7.88
C LEU A 45 -12.25 0.24 -8.24
N CYS A 46 -11.45 -0.79 -7.99
CA CYS A 46 -11.79 -2.12 -8.47
C CYS A 46 -12.31 -2.97 -7.33
N ASN A 47 -12.90 -4.09 -7.68
CA ASN A 47 -13.16 -5.14 -6.71
C ASN A 47 -11.86 -5.54 -6.05
N LEU A 48 -11.96 -6.11 -4.86
CA LEU A 48 -10.80 -6.61 -4.15
C LEU A 48 -10.95 -8.10 -4.05
N ASN A 49 -10.24 -8.82 -4.90
CA ASN A 49 -10.41 -10.27 -5.02
C ASN A 49 -11.85 -10.60 -5.42
N GLY A 50 -12.42 -11.64 -4.85
CA GLY A 50 -13.80 -11.95 -5.20
C GLY A 50 -14.86 -10.85 -4.97
N VAL A 51 -14.53 -9.82 -4.16
CA VAL A 51 -15.54 -8.98 -3.52
C VAL A 51 -15.58 -7.50 -3.90
N LYS A 52 -16.78 -6.93 -4.06
CA LYS A 52 -16.90 -5.56 -4.54
C LYS A 52 -16.95 -4.52 -3.42
N PRO A 53 -16.49 -3.30 -3.70
CA PRO A 53 -16.55 -2.31 -2.63
C PRO A 53 -17.96 -1.75 -2.45
N LEU A 54 -18.24 -1.23 -1.26
CA LEU A 54 -19.34 -0.32 -1.06
C LEU A 54 -18.90 1.07 -1.53
N ILE A 55 -19.42 1.53 -2.66
CA ILE A 55 -19.19 2.92 -3.09
C ILE A 55 -20.40 3.82 -2.72
N LEU A 56 -20.25 4.59 -1.64
CA LEU A 56 -21.34 5.38 -1.07
C LEU A 56 -21.75 6.58 -1.94
N LYS A 57 -20.98 6.87 -2.98
CA LYS A 57 -21.26 8.00 -3.86
C LYS A 57 -21.38 9.31 -3.07
N ASP A 58 -22.58 9.87 -3.00
CA ASP A 58 -22.77 11.18 -2.37
C ASP A 58 -23.41 11.10 -0.97
N CYS A 59 -23.44 9.89 -0.44
CA CYS A 59 -23.84 9.59 0.91
C CYS A 59 -22.63 9.45 1.83
N SER A 60 -22.86 9.60 3.13
CA SER A 60 -21.86 9.36 4.15
C SER A 60 -22.29 8.16 4.96
N VAL A 61 -21.36 7.64 5.77
CA VAL A 61 -21.66 6.47 6.59
C VAL A 61 -22.93 6.69 7.42
N ALA A 62 -23.06 7.90 7.96
CA ALA A 62 -24.22 8.27 8.76
C ALA A 62 -25.48 8.23 7.89
N GLY A 63 -25.41 8.91 6.75
CA GLY A 63 -26.48 8.90 5.78
C GLY A 63 -26.91 7.48 5.41
N TRP A 64 -25.94 6.58 5.23
CA TRP A 64 -26.28 5.23 4.83
C TRP A 64 -26.94 4.48 5.99
N LEU A 65 -26.26 4.42 7.13
CA LEU A 65 -26.75 3.64 8.27
C LEU A 65 -28.11 4.10 8.78
N LEU A 66 -28.32 5.41 8.86
CA LEU A 66 -29.58 5.94 9.38
C LEU A 66 -30.71 5.92 8.34
N GLY A 67 -30.33 5.94 7.06
CA GLY A 67 -31.30 5.92 5.99
C GLY A 67 -31.80 7.29 5.57
N ASN A 68 -30.87 8.18 5.26
CA ASN A 68 -31.20 9.44 4.61
C ASN A 68 -31.93 9.04 3.33
N PRO A 69 -33.09 9.67 3.06
CA PRO A 69 -33.90 9.31 1.89
C PRO A 69 -33.13 9.50 0.57
N MET A 70 -32.16 10.41 0.56
CA MET A 70 -31.28 10.59 -0.59
C MET A 70 -30.26 9.45 -0.79
N CYS A 71 -30.43 8.36 -0.05
CA CYS A 71 -29.44 7.27 -0.01
C CYS A 71 -30.11 5.90 -0.01
N ASP A 72 -31.30 5.80 -0.59
CA ASP A 72 -32.08 4.57 -0.53
C ASP A 72 -31.39 3.43 -1.26
N GLU A 73 -30.48 3.79 -2.16
CA GLU A 73 -29.65 2.83 -2.87
C GLU A 73 -29.07 1.80 -1.91
N PHE A 74 -28.69 2.28 -0.73
CA PHE A 74 -27.92 1.50 0.23
C PHE A 74 -28.74 0.81 1.33
N LEU A 75 -30.06 0.85 1.22
CA LEU A 75 -30.92 0.26 2.26
C LEU A 75 -30.65 -1.22 2.50
N ASN A 76 -30.06 -1.90 1.52
CA ASN A 76 -29.86 -3.33 1.70
C ASN A 76 -28.52 -3.93 1.36
N VAL A 77 -27.46 -3.12 1.41
CA VAL A 77 -26.08 -3.64 1.29
C VAL A 77 -25.84 -4.65 2.41
N SER A 78 -24.99 -5.63 2.16
CA SER A 78 -24.71 -6.63 3.18
C SER A 78 -23.27 -7.17 3.12
N GLU A 79 -22.59 -7.01 1.99
CA GLU A 79 -21.24 -7.52 1.91
C GLU A 79 -20.33 -6.70 1.00
N TRP A 80 -19.18 -6.31 1.54
CA TRP A 80 -18.25 -5.54 0.75
C TRP A 80 -16.80 -5.98 1.02
N SER A 81 -15.87 -5.40 0.27
CA SER A 81 -14.46 -5.61 0.54
C SER A 81 -13.94 -4.39 1.30
N TYR A 82 -14.18 -3.20 0.77
CA TYR A 82 -13.82 -1.96 1.43
C TYR A 82 -14.88 -0.87 1.15
N ILE A 83 -14.87 0.24 1.89
CA ILE A 83 -15.86 1.31 1.70
C ILE A 83 -15.21 2.54 1.06
N VAL A 84 -15.88 3.17 0.10
CA VAL A 84 -15.40 4.42 -0.49
C VAL A 84 -16.39 5.51 -0.17
N GLU A 85 -15.89 6.64 0.33
CA GLU A 85 -16.76 7.73 0.74
C GLU A 85 -16.08 9.00 0.27
N LYS A 86 -16.83 9.99 -0.19
CA LYS A 86 -16.18 11.18 -0.70
C LYS A 86 -15.55 11.98 0.41
N ALA A 87 -14.72 12.95 0.03
CA ALA A 87 -14.17 13.90 1.00
C ALA A 87 -15.32 14.55 1.74
N SER A 88 -16.19 15.22 0.98
CA SER A 88 -17.33 15.96 1.54
C SER A 88 -18.65 15.50 0.95
N PRO A 89 -19.15 14.34 1.41
CA PRO A 89 -20.44 13.85 0.90
C PRO A 89 -21.52 14.87 1.27
N ALA A 90 -22.66 14.83 0.57
CA ALA A 90 -23.63 15.91 0.69
C ALA A 90 -24.82 15.41 1.48
N ASN A 91 -24.99 14.10 1.45
CA ASN A 91 -26.12 13.45 2.07
C ASN A 91 -25.71 12.65 3.28
N GLY A 92 -25.66 13.33 4.43
CA GLY A 92 -25.39 12.69 5.70
C GLY A 92 -26.61 12.78 6.58
N LEU A 93 -26.57 13.67 7.56
CA LEU A 93 -27.73 13.89 8.44
C LEU A 93 -28.66 14.93 7.81
N CYS A 94 -29.73 14.50 7.16
CA CYS A 94 -30.62 15.43 6.46
C CYS A 94 -31.27 16.38 7.46
N TYR A 95 -31.67 15.86 8.62
CA TYR A 95 -32.08 16.69 9.74
C TYR A 95 -30.85 17.09 10.55
N PRO A 96 -30.57 18.40 10.60
CA PRO A 96 -29.36 18.93 11.23
C PRO A 96 -29.17 18.45 12.66
N GLY A 97 -27.97 17.93 12.94
CA GLY A 97 -27.66 17.42 14.26
C GLY A 97 -26.23 16.94 14.42
N ASP A 98 -26.00 16.11 15.43
CA ASP A 98 -24.67 15.57 15.68
C ASP A 98 -24.78 14.06 15.80
N PHE A 99 -23.76 13.35 15.29
CA PHE A 99 -23.69 11.91 15.42
C PHE A 99 -22.62 11.56 16.46
N ASN A 100 -23.05 11.10 17.63
CA ASN A 100 -22.16 10.86 18.77
C ASN A 100 -21.14 9.74 18.51
N ASP A 101 -19.88 10.03 18.75
CA ASP A 101 -18.83 9.03 18.56
C ASP A 101 -18.88 8.48 17.14
N TYR A 102 -18.94 9.38 16.17
CA TYR A 102 -19.03 9.02 14.77
C TYR A 102 -17.74 8.37 14.28
N GLU A 103 -16.62 9.03 14.55
CA GLU A 103 -15.35 8.50 14.11
C GLU A 103 -15.05 7.14 14.73
N GLU A 104 -15.43 6.94 15.99
CA GLU A 104 -15.24 5.64 16.59
C GLU A 104 -16.10 4.59 15.90
N LEU A 105 -17.26 5.01 15.35
CA LEU A 105 -18.15 4.09 14.65
C LEU A 105 -17.63 3.77 13.25
N LYS A 106 -17.21 4.82 12.53
CA LYS A 106 -16.53 4.64 11.25
C LYS A 106 -15.35 3.69 11.42
N HIS A 107 -14.60 3.84 12.50
CA HIS A 107 -13.45 2.97 12.77
C HIS A 107 -13.92 1.55 13.01
N LEU A 108 -14.93 1.41 13.85
CA LEU A 108 -15.50 0.10 14.11
C LEU A 108 -15.98 -0.53 12.80
N LEU A 109 -16.48 0.31 11.91
CA LEU A 109 -17.02 -0.15 10.65
C LEU A 109 -15.91 -0.65 9.73
N SER A 110 -14.72 -0.10 9.88
CA SER A 110 -13.59 -0.49 9.05
C SER A 110 -12.99 -1.84 9.48
N ARG A 111 -13.70 -2.54 10.36
CA ARG A 111 -13.31 -3.88 10.79
C ARG A 111 -14.41 -4.87 10.45
N ILE A 112 -15.36 -4.41 9.65
CA ILE A 112 -16.58 -5.16 9.34
C ILE A 112 -16.71 -5.19 7.83
N ASN A 113 -17.03 -6.37 7.29
CA ASN A 113 -17.31 -6.48 5.85
C ASN A 113 -18.65 -7.15 5.54
N HIS A 114 -19.39 -7.52 6.58
CA HIS A 114 -20.69 -8.19 6.41
C HIS A 114 -21.80 -7.75 7.42
N PHE A 115 -22.72 -6.92 6.93
CA PHE A 115 -23.95 -6.54 7.65
C PHE A 115 -25.11 -7.40 7.24
N GLU A 116 -26.07 -7.56 8.15
CA GLU A 116 -27.38 -8.05 7.80
C GLU A 116 -28.39 -7.19 8.54
N LYS A 117 -29.04 -6.27 7.83
CA LYS A 117 -30.02 -5.37 8.44
C LYS A 117 -31.27 -6.12 8.86
N ILE A 118 -31.62 -6.04 10.15
CA ILE A 118 -32.81 -6.73 10.63
C ILE A 118 -33.82 -5.79 11.30
N LYS A 119 -35.10 -6.18 11.30
CA LYS A 119 -36.14 -5.33 11.88
C LYS A 119 -36.31 -5.62 13.37
N ILE A 120 -35.92 -4.65 14.19
CA ILE A 120 -35.79 -4.88 15.63
C ILE A 120 -37.06 -4.46 16.39
N ILE A 121 -37.62 -3.32 16.02
CA ILE A 121 -38.88 -2.86 16.56
C ILE A 121 -39.77 -2.41 15.40
N PRO A 122 -40.80 -3.21 15.09
CA PRO A 122 -41.69 -2.89 13.95
C PRO A 122 -42.56 -1.67 14.29
N LYS A 123 -42.93 -0.88 13.29
CA LYS A 123 -43.83 0.26 13.50
C LYS A 123 -45.18 -0.16 14.11
N SER A 124 -45.55 -1.42 13.90
CA SER A 124 -46.76 -1.97 14.45
C SER A 124 -46.78 -1.83 15.97
N TYR A 125 -45.59 -1.84 16.58
CA TYR A 125 -45.48 -1.74 18.04
C TYR A 125 -46.09 -0.45 18.58
N TRP A 126 -45.92 0.65 17.84
CA TRP A 126 -46.31 1.97 18.33
C TRP A 126 -47.81 2.20 18.30
N SER A 127 -48.54 1.40 19.07
CA SER A 127 -50.00 1.36 19.01
C SER A 127 -50.67 2.59 19.64
N ASN A 128 -49.91 3.29 20.48
CA ASN A 128 -50.37 4.51 21.14
C ASN A 128 -49.53 5.76 20.83
N HIS A 129 -48.77 5.72 19.73
CA HIS A 129 -47.97 6.87 19.29
C HIS A 129 -48.03 6.96 17.78
N GLU A 130 -47.96 8.16 17.23
CA GLU A 130 -47.85 8.30 15.78
C GLU A 130 -46.39 8.09 15.37
N THR A 131 -46.18 7.48 14.19
CA THR A 131 -44.85 7.17 13.72
C THR A 131 -44.55 7.98 12.48
N SER A 132 -45.42 8.94 12.18
CA SER A 132 -45.32 9.66 10.92
C SER A 132 -44.49 10.92 10.99
N GLY A 133 -43.65 11.06 12.01
CA GLY A 133 -42.82 12.25 12.11
C GLY A 133 -41.90 12.40 10.91
N VAL A 134 -41.82 13.63 10.41
CA VAL A 134 -41.32 13.87 9.07
C VAL A 134 -40.83 15.31 8.90
N SER A 135 -39.81 15.57 8.09
CA SER A 135 -39.39 16.97 7.91
C SER A 135 -39.11 17.37 6.47
N SER A 136 -39.11 18.67 6.22
CA SER A 136 -38.78 19.19 4.90
C SER A 136 -37.27 19.11 4.63
N ALA A 137 -36.46 18.92 5.68
CA ALA A 137 -35.03 18.78 5.49
C ALA A 137 -34.71 17.35 5.13
N CYS A 138 -35.44 16.43 5.76
CA CYS A 138 -35.34 15.03 5.39
C CYS A 138 -36.31 14.68 4.26
N SER A 139 -36.39 15.57 3.27
CA SER A 139 -37.38 15.45 2.20
C SER A 139 -36.89 14.63 1.02
N TYR A 140 -37.79 13.81 0.50
CA TYR A 140 -37.50 13.03 -0.70
C TYR A 140 -37.94 13.85 -1.94
N LEU A 141 -38.80 13.28 -2.79
CA LEU A 141 -39.18 13.97 -4.03
C LEU A 141 -39.97 15.24 -3.70
N GLU A 142 -39.23 16.27 -3.30
CA GLU A 142 -39.79 17.53 -2.77
C GLU A 142 -41.02 17.38 -1.84
N ASN A 143 -41.17 16.20 -1.23
CA ASN A 143 -42.27 15.91 -0.32
C ASN A 143 -41.83 15.32 1.02
N PRO A 144 -41.76 16.17 2.06
CA PRO A 144 -41.32 15.90 3.44
C PRO A 144 -41.32 14.43 3.85
N SER A 145 -40.14 13.92 4.21
CA SER A 145 -39.99 12.52 4.62
C SER A 145 -39.13 12.38 5.87
N PHE A 146 -38.58 11.18 6.09
CA PHE A 146 -37.69 10.99 7.24
C PHE A 146 -36.65 9.89 7.00
N PHE A 147 -35.71 9.77 7.94
CA PHE A 147 -34.77 8.66 7.99
C PHE A 147 -35.49 7.31 7.87
N ARG A 148 -35.01 6.44 6.99
CA ARG A 148 -35.70 5.18 6.71
C ARG A 148 -35.56 4.17 7.84
N ASN A 149 -34.53 4.31 8.66
CA ASN A 149 -34.20 3.26 9.62
C ASN A 149 -34.58 3.61 11.04
N VAL A 150 -34.86 4.90 11.27
CA VAL A 150 -35.33 5.35 12.57
C VAL A 150 -36.67 6.09 12.48
N VAL A 151 -37.49 5.97 13.54
CA VAL A 151 -38.86 6.46 13.46
C VAL A 151 -39.16 7.63 14.40
N TRP A 152 -39.64 8.73 13.82
CA TRP A 152 -39.97 9.92 14.61
C TRP A 152 -41.33 9.80 15.30
N LEU A 153 -41.31 9.32 16.53
CA LEU A 153 -42.52 9.17 17.32
C LEU A 153 -43.10 10.54 17.69
N THR A 154 -44.42 10.70 17.56
CA THR A 154 -45.12 11.92 18.00
C THR A 154 -46.39 11.56 18.78
N LYS A 155 -46.99 12.56 19.44
CA LYS A 155 -48.23 12.32 20.18
C LYS A 155 -49.35 11.81 19.29
N LYS A 156 -50.10 10.85 19.83
CA LYS A 156 -51.30 10.31 19.19
C LYS A 156 -52.47 10.90 19.92
N ASP A 157 -53.41 11.47 19.16
CA ASP A 157 -54.50 12.29 19.70
C ASP A 157 -53.84 13.44 20.41
N ASN A 158 -54.05 13.56 21.71
CA ASN A 158 -53.31 14.61 22.38
C ASN A 158 -52.47 14.12 23.55
N THR A 159 -52.16 12.83 23.55
CA THR A 159 -51.28 12.26 24.57
C THR A 159 -49.98 11.61 24.02
N TYR A 160 -48.96 11.54 24.87
CA TYR A 160 -47.75 10.78 24.59
C TYR A 160 -47.49 9.90 25.80
N PRO A 161 -48.05 8.68 25.78
CA PRO A 161 -47.86 7.80 26.95
C PRO A 161 -46.41 7.39 27.09
N PRO A 162 -45.95 7.17 28.34
CA PRO A 162 -44.55 6.76 28.54
C PRO A 162 -44.25 5.47 27.81
N ILE A 163 -43.13 5.49 27.09
CA ILE A 163 -42.60 4.37 26.33
C ILE A 163 -41.70 3.51 27.21
N LYS A 164 -41.84 2.19 27.07
CA LYS A 164 -40.91 1.26 27.70
C LYS A 164 -40.85 0.02 26.81
N VAL A 165 -39.80 -0.06 25.99
CA VAL A 165 -39.68 -1.17 25.05
C VAL A 165 -38.28 -1.75 25.13
N ASN A 166 -38.19 -3.08 25.03
CA ASN A 166 -36.90 -3.74 25.04
C ASN A 166 -36.69 -4.58 23.77
N TYR A 167 -35.45 -5.00 23.53
CA TYR A 167 -35.15 -5.97 22.48
C TYR A 167 -34.01 -6.85 22.93
N THR A 168 -34.18 -8.16 22.78
CA THR A 168 -33.11 -9.06 23.20
C THR A 168 -32.38 -9.61 21.97
N ASN A 169 -31.04 -9.66 22.06
CA ASN A 169 -30.24 -10.16 20.97
C ASN A 169 -30.22 -11.68 20.93
N ALA A 170 -31.25 -12.24 20.31
CA ALA A 170 -31.38 -13.68 20.13
C ALA A 170 -30.19 -14.27 19.39
N ASN A 171 -29.69 -13.54 18.38
CA ASN A 171 -28.65 -14.03 17.47
C ASN A 171 -27.29 -14.30 18.12
N GLN A 172 -26.34 -14.77 17.32
CA GLN A 172 -25.04 -15.09 17.89
C GLN A 172 -24.00 -14.15 17.31
N LYS A 173 -24.49 -13.08 16.71
CA LYS A 173 -23.65 -12.02 16.19
C LYS A 173 -23.87 -10.75 17.04
N ASP A 174 -22.89 -9.85 17.06
CA ASP A 174 -23.06 -8.55 17.66
C ASP A 174 -24.12 -7.81 16.86
N LEU A 175 -24.78 -6.85 17.51
CA LEU A 175 -25.82 -6.06 16.88
C LEU A 175 -25.54 -4.54 17.07
N LEU A 176 -25.52 -3.79 15.96
CA LEU A 176 -25.33 -2.33 16.01
C LEU A 176 -26.67 -1.58 16.05
N VAL A 177 -27.18 -1.20 17.23
CA VAL A 177 -28.41 -0.41 17.25
C VAL A 177 -28.18 1.12 17.30
N LEU A 178 -29.03 1.86 16.57
CA LEU A 178 -28.94 3.32 16.51
C LEU A 178 -30.24 4.00 17.00
N TRP A 179 -30.13 5.08 17.77
CA TRP A 179 -31.29 5.86 18.16
C TRP A 179 -30.95 7.34 18.15
N GLY A 180 -31.84 8.17 18.69
CA GLY A 180 -31.66 9.62 18.60
C GLY A 180 -32.56 10.38 19.53
N ILE A 181 -32.32 11.67 19.67
CA ILE A 181 -33.24 12.52 20.43
C ILE A 181 -33.46 13.82 19.66
N HIS A 182 -34.67 14.39 19.75
CA HIS A 182 -34.95 15.64 19.04
C HIS A 182 -34.91 16.85 19.97
N HIS A 183 -34.21 17.90 19.54
CA HIS A 183 -34.11 19.12 20.31
C HIS A 183 -34.95 20.19 19.63
N PRO A 184 -36.15 20.48 20.19
CA PRO A 184 -37.12 21.45 19.66
C PRO A 184 -36.65 22.88 19.92
N ASN A 185 -37.38 23.87 19.38
CA ASN A 185 -36.96 25.26 19.48
C ASN A 185 -37.48 26.01 20.70
N ASN A 186 -38.64 25.62 21.18
CA ASN A 186 -39.28 26.30 22.29
C ASN A 186 -40.31 25.41 22.95
N GLU A 187 -40.83 25.86 24.10
CA GLU A 187 -41.75 25.04 24.86
C GLU A 187 -43.01 24.77 24.03
N ALA A 188 -43.36 25.73 23.18
CA ALA A 188 -44.57 25.61 22.35
C ALA A 188 -44.42 24.41 21.44
N GLU A 189 -43.41 24.48 20.59
CA GLU A 189 -43.10 23.41 19.63
C GLU A 189 -42.99 22.05 20.33
N GLN A 190 -42.36 22.03 21.49
CA GLN A 190 -42.29 20.79 22.26
C GLN A 190 -43.69 20.23 22.51
N LYS A 191 -44.59 21.07 22.99
CA LYS A 191 -45.93 20.62 23.36
C LYS A 191 -46.71 20.16 22.11
N MET A 192 -46.49 20.86 21.00
CA MET A 192 -47.15 20.52 19.74
C MET A 192 -46.78 19.13 19.22
N ILE A 193 -45.53 18.70 19.47
CA ILE A 193 -45.10 17.39 18.99
C ILE A 193 -45.31 16.31 20.05
N TYR A 194 -44.98 16.62 21.30
CA TYR A 194 -44.85 15.55 22.29
C TYR A 194 -45.80 15.65 23.48
N GLN A 195 -46.60 16.71 23.51
CA GLN A 195 -47.51 17.04 24.62
C GLN A 195 -46.71 17.32 25.90
N ASN A 196 -46.19 16.25 26.50
CA ASN A 196 -45.30 16.33 27.67
C ASN A 196 -44.17 17.37 27.58
N LEU A 197 -43.91 18.04 28.70
CA LEU A 197 -43.09 19.24 28.69
C LEU A 197 -41.68 19.04 29.23
N ASN A 198 -41.51 18.15 30.20
CA ASN A 198 -40.16 17.82 30.63
C ASN A 198 -39.80 16.36 30.40
N THR A 199 -38.96 16.14 29.40
CA THR A 199 -38.77 14.80 28.87
C THR A 199 -37.37 14.25 29.03
N TYR A 200 -37.27 12.94 28.83
CA TYR A 200 -36.02 12.20 28.86
C TYR A 200 -36.10 11.03 27.88
N VAL A 201 -34.95 10.56 27.43
CA VAL A 201 -34.83 9.27 26.74
C VAL A 201 -33.77 8.54 27.53
N SER A 202 -34.06 7.35 28.02
CA SER A 202 -33.04 6.57 28.69
C SER A 202 -32.82 5.22 27.99
N VAL A 203 -31.56 4.88 27.75
CA VAL A 203 -31.24 3.61 27.13
C VAL A 203 -30.40 2.77 28.07
N GLY A 204 -30.76 1.51 28.25
CA GLY A 204 -29.99 0.65 29.13
C GLY A 204 -29.63 -0.70 28.52
N THR A 205 -28.35 -1.08 28.61
CA THR A 205 -27.94 -2.46 28.35
C THR A 205 -27.22 -2.97 29.62
N SER A 206 -26.38 -3.99 29.46
CA SER A 206 -25.51 -4.43 30.54
C SER A 206 -24.36 -3.46 30.74
N THR A 207 -24.00 -2.76 29.67
CA THR A 207 -22.89 -1.82 29.75
C THR A 207 -23.37 -0.38 29.66
N LEU A 208 -24.33 -0.12 28.79
CA LEU A 208 -24.85 1.23 28.63
C LEU A 208 -25.75 1.62 29.78
N ASN A 209 -25.70 2.91 30.15
CA ASN A 209 -26.59 3.50 31.16
C ASN A 209 -26.75 4.97 30.82
N GLN A 210 -27.54 5.26 29.79
CA GLN A 210 -27.61 6.61 29.22
C GLN A 210 -28.91 7.32 29.55
N ARG A 211 -28.83 8.61 29.90
CA ARG A 211 -30.02 9.44 30.08
C ARG A 211 -29.91 10.72 29.25
N LEU A 212 -30.77 10.85 28.25
CA LEU A 212 -30.73 12.01 27.37
C LEU A 212 -31.89 12.96 27.69
N VAL A 213 -31.65 14.26 27.54
CA VAL A 213 -32.68 15.24 27.84
C VAL A 213 -32.65 16.32 26.79
N PRO A 214 -33.81 16.65 26.20
CA PRO A 214 -33.84 17.68 25.16
C PRO A 214 -33.24 18.98 25.62
N LYS A 215 -32.60 19.67 24.68
CA LYS A 215 -32.02 20.98 24.95
C LYS A 215 -32.73 22.01 24.12
N ILE A 216 -33.68 22.72 24.72
CA ILE A 216 -34.34 23.82 24.06
C ILE A 216 -33.45 25.04 24.15
N ALA A 217 -33.06 25.56 22.99
CA ALA A 217 -32.27 26.78 22.88
C ALA A 217 -32.47 27.40 21.49
N THR A 218 -32.08 28.65 21.31
CA THR A 218 -32.21 29.28 19.99
C THR A 218 -30.92 29.06 19.21
N ARG A 219 -31.07 28.57 17.98
CA ARG A 219 -29.93 28.21 17.16
C ARG A 219 -30.09 28.80 15.76
N SER A 220 -28.98 28.90 15.04
CA SER A 220 -29.00 29.37 13.67
C SER A 220 -29.76 28.38 12.80
N LYS A 221 -30.27 28.85 11.67
CA LYS A 221 -31.00 27.95 10.77
C LYS A 221 -30.08 27.12 9.87
N VAL A 222 -30.38 25.83 9.81
CA VAL A 222 -29.65 24.92 8.94
C VAL A 222 -30.71 24.14 8.17
N LYS A 223 -30.71 24.31 6.85
CA LYS A 223 -31.76 23.75 6.00
C LYS A 223 -33.11 24.30 6.45
N GLY A 224 -33.12 25.59 6.74
CA GLY A 224 -34.31 26.28 7.21
C GLY A 224 -34.76 25.93 8.61
N LEU A 225 -34.15 24.92 9.22
CA LEU A 225 -34.53 24.48 10.56
C LEU A 225 -33.58 25.00 11.66
N SER A 226 -34.11 25.11 12.87
CA SER A 226 -33.35 25.62 14.01
C SER A 226 -33.34 24.52 15.06
N GLY A 227 -34.25 23.56 14.89
CA GLY A 227 -34.27 22.36 15.70
C GLY A 227 -33.07 21.50 15.33
N ARG A 228 -32.82 20.47 16.13
CA ARG A 228 -31.67 19.59 15.98
C ARG A 228 -32.04 18.17 16.35
N MET A 229 -31.23 17.21 15.92
CA MET A 229 -31.47 15.81 16.21
C MET A 229 -30.11 15.11 16.41
N ASP A 230 -29.87 14.59 17.61
CA ASP A 230 -28.58 14.00 17.96
C ASP A 230 -28.67 12.48 18.01
N PHE A 231 -27.81 11.79 17.25
CA PHE A 231 -27.91 10.33 17.21
C PHE A 231 -26.82 9.62 18.00
N PHE A 232 -27.11 8.39 18.43
CA PHE A 232 -26.22 7.62 19.29
C PHE A 232 -26.25 6.15 18.90
N TRP A 233 -25.16 5.43 19.16
CA TRP A 233 -25.09 4.02 18.79
C TRP A 233 -24.52 3.16 19.91
N THR A 234 -24.75 1.86 19.85
CA THR A 234 -24.09 0.97 20.79
C THR A 234 -24.00 -0.42 20.18
N ILE A 235 -23.11 -1.26 20.72
CA ILE A 235 -23.05 -2.63 20.24
C ILE A 235 -23.76 -3.50 21.27
N LEU A 236 -24.84 -4.13 20.83
CA LEU A 236 -25.58 -5.03 21.69
C LEU A 236 -25.03 -6.45 21.51
N LYS A 237 -24.37 -6.97 22.54
CA LYS A 237 -23.72 -8.27 22.47
C LYS A 237 -24.75 -9.40 22.41
N PRO A 238 -24.32 -10.64 22.12
CA PRO A 238 -25.35 -11.69 22.08
C PRO A 238 -25.95 -12.00 23.44
N ASN A 239 -27.24 -12.37 23.46
CA ASN A 239 -28.00 -12.68 24.68
C ASN A 239 -28.07 -11.52 25.67
N ASP A 240 -28.02 -10.29 25.17
CA ASP A 240 -28.22 -9.11 26.00
C ASP A 240 -29.38 -8.28 25.46
N THR A 241 -29.98 -7.47 26.33
CA THR A 241 -31.18 -6.74 25.99
C THR A 241 -30.93 -5.25 26.03
N ILE A 242 -31.36 -4.54 25.00
CA ILE A 242 -31.35 -3.08 25.04
C ILE A 242 -32.70 -2.56 25.54
N ASN A 243 -32.69 -1.60 26.46
CA ASN A 243 -33.93 -1.10 27.08
C ASN A 243 -34.15 0.42 26.88
N PHE A 244 -35.12 0.79 26.04
CA PHE A 244 -35.51 2.19 25.89
C PHE A 244 -36.71 2.56 26.83
N ASP A 245 -36.56 3.68 27.54
CA ASP A 245 -37.66 4.30 28.28
C ASP A 245 -37.71 5.74 27.76
N SER A 246 -38.90 6.26 27.44
CA SER A 246 -39.04 7.67 27.06
C SER A 246 -40.46 8.25 27.26
N ASN A 247 -40.54 9.56 27.47
CA ASN A 247 -41.83 10.23 27.53
C ASN A 247 -41.91 11.36 26.50
N GLY A 248 -41.08 11.25 25.45
CA GLY A 248 -41.03 12.27 24.41
C GLY A 248 -39.65 12.44 23.79
N ASN A 249 -39.62 13.04 22.60
CA ASN A 249 -38.39 13.33 21.84
C ASN A 249 -37.57 12.12 21.37
N PHE A 250 -38.03 10.92 21.71
CA PHE A 250 -37.38 9.68 21.29
C PHE A 250 -37.39 9.47 19.78
N ILE A 251 -36.21 9.32 19.16
CA ILE A 251 -36.15 8.82 17.78
C ILE A 251 -35.81 7.34 17.82
N ALA A 252 -36.81 6.49 17.61
CA ALA A 252 -36.68 5.07 17.89
C ALA A 252 -36.05 4.30 16.73
N PRO A 253 -35.27 3.27 17.06
CA PRO A 253 -34.74 2.33 16.08
C PRO A 253 -35.84 1.44 15.53
N GLU A 254 -35.96 1.37 14.21
CA GLU A 254 -36.79 0.35 13.58
C GLU A 254 -35.89 -0.82 13.11
N TYR A 255 -34.75 -0.46 12.50
CA TYR A 255 -33.77 -1.46 12.09
C TYR A 255 -32.46 -1.40 12.91
N ALA A 256 -31.89 -2.58 13.12
CA ALA A 256 -30.56 -2.72 13.69
C ALA A 256 -29.72 -3.49 12.67
N TYR A 257 -28.39 -3.45 12.82
CA TYR A 257 -27.53 -4.17 11.89
C TYR A 257 -26.80 -5.32 12.58
N LYS A 258 -26.98 -6.52 12.03
CA LYS A 258 -26.33 -7.71 12.55
C LYS A 258 -24.91 -7.80 11.96
N ILE A 259 -23.90 -7.98 12.82
CA ILE A 259 -22.49 -7.99 12.38
C ILE A 259 -22.05 -9.42 12.11
N VAL A 260 -22.18 -9.87 10.87
CA VAL A 260 -21.96 -11.27 10.55
C VAL A 260 -20.49 -11.58 10.35
N LYS A 261 -19.80 -10.76 9.56
CA LYS A 261 -18.37 -11.00 9.38
C LYS A 261 -17.50 -9.77 9.59
N LYS A 262 -16.54 -9.94 10.51
CA LYS A 262 -15.47 -8.99 10.71
C LYS A 262 -14.24 -9.41 9.88
N GLY A 263 -13.67 -8.45 9.16
CA GLY A 263 -12.47 -8.69 8.39
C GLY A 263 -11.64 -7.44 8.35
N ASP A 264 -10.42 -7.55 7.84
CA ASP A 264 -9.62 -6.37 7.66
C ASP A 264 -10.26 -5.57 6.53
N SER A 265 -10.62 -4.33 6.81
CA SER A 265 -11.19 -3.48 5.78
C SER A 265 -10.71 -2.04 5.93
N ALA A 266 -11.45 -1.12 5.32
CA ALA A 266 -11.01 0.26 5.23
C ALA A 266 -12.10 1.14 4.68
N ILE A 267 -12.03 2.41 5.06
CA ILE A 267 -12.87 3.42 4.44
C ILE A 267 -11.91 4.34 3.71
N MET A 268 -12.01 4.35 2.37
CA MET A 268 -11.14 5.19 1.56
C MET A 268 -11.85 6.47 1.15
N LYS A 269 -11.12 7.58 1.19
CA LYS A 269 -11.59 8.84 0.69
C LYS A 269 -11.22 8.88 -0.76
N SER A 270 -12.20 8.82 -1.65
CA SER A 270 -11.92 9.02 -3.07
C SER A 270 -13.10 9.62 -3.83
N GLU A 271 -12.75 10.43 -4.84
CA GLU A 271 -13.75 11.04 -5.72
C GLU A 271 -14.11 10.19 -6.94
N LEU A 272 -13.51 9.01 -7.05
CA LEU A 272 -13.73 8.18 -8.23
C LEU A 272 -15.03 7.39 -8.09
N GLU A 273 -15.56 6.91 -9.22
CA GLU A 273 -16.72 6.03 -9.22
C GLU A 273 -16.24 4.58 -9.20
N TYR A 274 -17.16 3.64 -9.36
CA TYR A 274 -16.79 2.24 -9.60
C TYR A 274 -15.92 2.13 -10.85
N GLY A 275 -15.14 1.05 -10.93
CA GLY A 275 -14.27 0.84 -12.09
C GLY A 275 -14.62 -0.41 -12.89
N ASN A 276 -15.43 -1.30 -12.30
CA ASN A 276 -15.75 -2.60 -12.88
C ASN A 276 -14.46 -3.30 -13.36
N CYS A 277 -13.70 -3.78 -12.38
CA CYS A 277 -12.40 -4.39 -12.58
C CYS A 277 -11.97 -5.10 -11.30
N ASN A 278 -10.95 -5.95 -11.38
CA ASN A 278 -10.48 -6.69 -10.22
C ASN A 278 -9.01 -6.36 -9.90
N THR A 279 -8.62 -6.56 -8.64
CA THR A 279 -7.26 -6.28 -8.17
C THR A 279 -6.97 -7.05 -6.89
N LYS A 280 -5.69 -7.01 -6.49
CA LYS A 280 -5.21 -7.68 -5.29
C LYS A 280 -4.67 -6.58 -4.37
N CYS A 281 -4.60 -5.38 -4.92
CA CYS A 281 -4.08 -4.21 -4.23
C CYS A 281 -4.80 -2.94 -4.70
N GLN A 282 -5.52 -2.27 -3.80
CA GLN A 282 -6.23 -1.04 -4.15
C GLN A 282 -5.71 0.22 -3.42
N THR A 283 -5.65 1.36 -4.13
CA THR A 283 -5.44 2.67 -3.50
C THR A 283 -6.59 3.64 -3.84
N PRO A 284 -6.73 4.74 -3.07
CA PRO A 284 -7.77 5.75 -3.29
C PRO A 284 -7.76 6.40 -4.67
N ILE A 285 -6.64 6.30 -5.38
CA ILE A 285 -6.57 6.90 -6.71
C ILE A 285 -6.46 5.87 -7.84
N GLY A 286 -6.45 4.57 -7.50
CA GLY A 286 -6.40 3.51 -8.50
C GLY A 286 -5.79 2.21 -7.97
N ALA A 287 -5.95 1.12 -8.73
CA ALA A 287 -5.44 -0.18 -8.29
C ALA A 287 -4.06 -0.54 -8.89
N ILE A 288 -3.43 -1.55 -8.31
CA ILE A 288 -2.07 -1.90 -8.64
C ILE A 288 -1.96 -3.36 -9.06
N ASN A 289 -1.41 -3.59 -10.26
CA ASN A 289 -1.08 -4.93 -10.74
C ASN A 289 0.44 -4.95 -10.90
N SER A 290 1.14 -5.52 -9.93
CA SER A 290 2.58 -5.33 -9.84
C SER A 290 3.33 -6.35 -8.98
N SER A 291 4.60 -6.56 -9.34
CA SER A 291 5.46 -7.55 -8.70
C SER A 291 6.62 -6.85 -8.03
N MET A 292 6.81 -5.59 -8.41
CA MET A 292 7.79 -4.69 -7.79
C MET A 292 7.70 -4.76 -6.27
N PRO A 293 8.86 -4.68 -5.61
CA PRO A 293 8.86 -4.69 -4.14
C PRO A 293 8.40 -3.35 -3.57
N PHE A 294 8.42 -2.28 -4.38
CA PHE A 294 8.00 -0.95 -3.95
C PHE A 294 6.98 -0.32 -4.90
N HIS A 295 6.29 0.72 -4.42
CA HIS A 295 5.49 1.59 -5.29
C HIS A 295 5.49 3.01 -4.71
N ASN A 296 5.16 4.00 -5.52
CA ASN A 296 5.05 5.37 -5.00
C ASN A 296 3.71 6.06 -5.29
N ILE A 297 2.64 5.30 -5.41
CA ILE A 297 1.41 5.91 -5.93
C ILE A 297 0.57 6.65 -4.88
N HIS A 298 0.46 6.06 -3.68
CA HIS A 298 -0.37 6.59 -2.61
C HIS A 298 -0.12 5.68 -1.41
N PRO A 299 0.05 6.29 -0.21
CA PRO A 299 0.29 5.58 1.06
C PRO A 299 -0.88 4.73 1.53
N LEU A 300 -2.10 5.19 1.32
CA LEU A 300 -3.24 4.47 1.89
C LEU A 300 -3.67 3.29 1.02
N THR A 301 -3.09 2.11 1.23
CA THR A 301 -3.48 0.98 0.38
C THR A 301 -4.27 -0.09 1.13
N ILE A 302 -4.92 -0.99 0.40
CA ILE A 302 -5.52 -2.17 1.01
C ILE A 302 -5.24 -3.40 0.14
N GLY A 303 -5.01 -4.54 0.80
CA GLY A 303 -4.64 -5.78 0.11
C GLY A 303 -3.14 -6.00 0.05
N GLU A 304 -2.74 -7.16 -0.48
CA GLU A 304 -1.32 -7.51 -0.65
C GLU A 304 -0.61 -6.58 -1.64
N CYS A 305 0.18 -5.64 -1.13
CA CYS A 305 0.77 -4.59 -1.97
C CYS A 305 2.29 -4.45 -1.86
N PRO A 306 2.91 -3.77 -2.84
CA PRO A 306 4.29 -3.33 -2.64
C PRO A 306 4.39 -2.37 -1.47
N LYS A 307 5.59 -2.11 -0.98
CA LYS A 307 5.79 -1.17 0.11
C LYS A 307 5.80 0.25 -0.45
N TYR A 308 5.06 1.16 0.17
CA TYR A 308 5.05 2.54 -0.32
C TYR A 308 6.31 3.31 0.05
N VAL A 309 6.91 3.98 -0.93
CA VAL A 309 7.94 4.99 -0.65
C VAL A 309 7.61 6.27 -1.42
N LYS A 310 8.19 7.40 -0.99
CA LYS A 310 7.95 8.68 -1.66
C LYS A 310 8.91 8.91 -2.84
N SER A 311 9.80 7.95 -3.08
CA SER A 311 10.77 8.05 -4.17
C SER A 311 10.10 8.12 -5.52
N ASN A 312 10.65 8.93 -6.43
CA ASN A 312 10.19 8.91 -7.82
C ASN A 312 10.99 7.93 -8.67
N ARG A 313 12.07 7.39 -8.09
CA ARG A 313 12.95 6.46 -8.81
C ARG A 313 13.72 5.53 -7.87
N LEU A 314 13.58 4.22 -8.08
CA LEU A 314 14.43 3.24 -7.39
C LEU A 314 14.92 2.12 -8.32
N VAL A 315 16.15 2.25 -8.79
CA VAL A 315 16.73 1.21 -9.67
C VAL A 315 18.08 0.62 -9.21
N LEU A 316 18.12 -0.70 -9.07
CA LEU A 316 19.34 -1.43 -8.72
C LEU A 316 20.27 -1.74 -9.93
N ALA A 317 21.56 -1.43 -9.80
CA ALA A 317 22.53 -1.93 -10.75
C ALA A 317 22.62 -3.43 -10.57
N THR A 318 22.65 -4.16 -11.69
CA THR A 318 22.96 -5.59 -11.70
C THR A 318 24.28 -5.85 -12.46
N GLY A 319 24.40 -5.26 -13.64
CA GLY A 319 25.56 -5.45 -14.50
C GLY A 319 26.66 -4.48 -14.15
N LEU A 320 27.58 -4.22 -15.09
CA LEU A 320 28.76 -3.41 -14.81
C LEU A 320 28.73 -2.10 -15.59
N ARG A 321 29.60 -1.16 -15.21
CA ARG A 321 29.69 0.11 -15.91
C ARG A 321 29.85 -0.11 -17.41
N ASN A 322 28.91 0.43 -18.19
CA ASN A 322 28.92 0.27 -19.64
C ASN A 322 29.59 1.45 -20.34
N ALA A 323 30.89 1.30 -20.55
CA ALA A 323 31.73 2.22 -21.32
C ALA A 323 31.16 2.52 -22.72
N PRO A 324 31.17 3.81 -23.11
CA PRO A 324 30.83 4.21 -24.50
C PRO A 324 31.82 3.66 -25.54
N GLY B 1 36.35 3.25 -11.00
CA GLY B 1 36.88 1.96 -10.57
C GLY B 1 37.58 2.00 -9.22
N LEU B 2 37.24 1.03 -8.35
CA LEU B 2 37.84 0.96 -7.02
C LEU B 2 38.98 -0.04 -7.00
N PHE B 3 38.90 -1.04 -7.87
CA PHE B 3 39.91 -2.09 -7.95
C PHE B 3 40.89 -1.93 -9.13
N GLY B 4 40.63 -0.99 -10.02
CA GLY B 4 41.59 -0.64 -11.05
C GLY B 4 41.46 -1.34 -12.39
N ALA B 5 40.68 -2.41 -12.41
CA ALA B 5 40.45 -3.19 -13.63
C ALA B 5 39.49 -2.50 -14.61
N ILE B 6 38.18 -2.61 -14.38
CA ILE B 6 37.19 -1.96 -15.24
C ILE B 6 37.45 -0.46 -15.43
N ALA B 7 37.53 -0.03 -16.69
CA ALA B 7 37.92 1.33 -17.06
C ALA B 7 39.12 1.78 -16.22
N GLY B 8 40.13 0.91 -16.20
CA GLY B 8 41.38 1.14 -15.51
C GLY B 8 42.52 0.76 -16.44
N PHE B 9 43.24 -0.30 -16.10
CA PHE B 9 44.30 -0.82 -16.98
C PHE B 9 43.68 -1.60 -18.13
N ILE B 10 42.62 -2.36 -17.84
CA ILE B 10 41.82 -2.94 -18.91
C ILE B 10 40.92 -1.82 -19.41
N GLU B 11 41.47 -0.88 -20.17
CA GLU B 11 40.63 0.19 -20.70
C GLU B 11 39.59 -0.37 -21.67
N GLY B 12 38.34 0.09 -21.54
CA GLY B 12 37.28 -0.32 -22.43
C GLY B 12 36.86 -1.77 -22.26
N GLY B 13 35.65 -2.08 -22.69
CA GLY B 13 35.09 -3.41 -22.54
C GLY B 13 34.70 -3.99 -23.87
N TRP B 14 34.48 -5.29 -23.92
CA TRP B 14 34.27 -5.96 -25.20
C TRP B 14 32.82 -6.14 -25.60
N GLN B 15 32.38 -5.35 -26.57
CA GLN B 15 31.10 -5.59 -27.25
C GLN B 15 31.03 -7.01 -27.81
N GLY B 16 32.19 -7.56 -28.19
CA GLY B 16 32.28 -8.91 -28.76
C GLY B 16 31.90 -10.05 -27.83
N MET B 17 32.39 -10.03 -26.59
CA MET B 17 31.99 -11.07 -25.64
C MET B 17 30.53 -10.87 -25.29
N VAL B 18 29.78 -11.96 -25.11
CA VAL B 18 28.32 -11.89 -25.01
C VAL B 18 27.74 -12.96 -24.07
N ASP B 19 28.35 -14.14 -24.09
CA ASP B 19 27.89 -15.29 -23.31
C ASP B 19 28.13 -15.17 -21.78
N GLY B 20 28.68 -14.04 -21.33
CA GLY B 20 29.03 -13.89 -19.92
C GLY B 20 29.47 -12.49 -19.53
N TRP B 21 29.81 -12.31 -18.26
CA TRP B 21 30.15 -10.99 -17.74
C TRP B 21 31.64 -10.70 -17.81
N TYR B 22 32.42 -11.70 -17.43
CA TYR B 22 33.87 -11.64 -17.50
C TYR B 22 34.41 -12.79 -18.35
N GLY B 23 35.47 -12.52 -19.13
CA GLY B 23 36.06 -13.56 -19.94
C GLY B 23 37.29 -13.17 -20.72
N TYR B 24 37.68 -14.04 -21.65
CA TYR B 24 38.96 -13.92 -22.34
C TYR B 24 38.78 -13.65 -23.82
N HIS B 25 39.80 -13.03 -24.41
CA HIS B 25 39.94 -12.99 -25.86
C HIS B 25 41.32 -13.53 -26.28
N HIS B 26 41.32 -14.71 -26.88
CA HIS B 26 42.57 -15.30 -27.35
C HIS B 26 42.95 -14.91 -28.77
N SER B 27 44.22 -15.10 -29.11
CA SER B 27 44.73 -14.75 -30.43
C SER B 27 45.99 -15.56 -30.71
N ASN B 28 45.82 -16.71 -31.37
CA ASN B 28 46.97 -17.53 -31.73
C ASN B 28 47.03 -17.82 -33.22
N GLU B 29 47.93 -18.73 -33.59
CA GLU B 29 48.15 -19.07 -35.00
C GLU B 29 46.95 -19.80 -35.62
N GLN B 30 46.21 -20.56 -34.82
CA GLN B 30 44.97 -21.18 -35.28
C GLN B 30 43.80 -20.19 -35.43
N GLY B 31 43.84 -19.08 -34.70
CA GLY B 31 42.77 -18.08 -34.77
C GLY B 31 42.32 -17.47 -33.46
N SER B 32 41.35 -16.57 -33.54
CA SER B 32 40.90 -15.77 -32.40
C SER B 32 39.52 -16.15 -31.86
N GLY B 33 38.95 -15.26 -31.05
CA GLY B 33 37.66 -15.47 -30.44
C GLY B 33 37.53 -15.05 -28.99
N TYR B 34 36.31 -14.66 -28.62
CA TYR B 34 35.99 -14.35 -27.22
C TYR B 34 35.39 -15.58 -26.55
N ALA B 35 35.73 -15.77 -25.28
CA ALA B 35 35.11 -16.81 -24.47
C ALA B 35 34.95 -16.28 -23.04
N ALA B 36 33.76 -16.42 -22.47
CA ALA B 36 33.53 -15.91 -21.13
C ALA B 36 33.81 -16.96 -20.05
N ASP B 37 34.52 -16.55 -18.99
CA ASP B 37 34.76 -17.45 -17.86
C ASP B 37 33.46 -17.67 -17.11
N LYS B 38 32.89 -18.87 -17.22
CA LYS B 38 31.59 -19.16 -16.63
C LYS B 38 31.66 -19.42 -15.12
N GLU B 39 32.83 -19.84 -14.64
CA GLU B 39 33.08 -19.97 -13.21
C GLU B 39 32.83 -18.66 -12.47
N SER B 40 33.57 -17.63 -12.87
CA SER B 40 33.48 -16.30 -12.27
C SER B 40 32.20 -15.54 -12.66
N THR B 41 31.66 -15.78 -13.85
CA THR B 41 30.43 -15.11 -14.24
C THR B 41 29.25 -15.67 -13.43
N GLN B 42 29.16 -16.98 -13.32
CA GLN B 42 28.08 -17.59 -12.53
C GLN B 42 28.16 -17.21 -11.05
N LYS B 43 29.37 -17.10 -10.52
CA LYS B 43 29.48 -16.69 -9.12
C LYS B 43 29.03 -15.23 -8.93
N ALA B 44 29.14 -14.42 -9.98
CA ALA B 44 28.67 -13.03 -9.93
C ALA B 44 27.15 -12.94 -10.15
N ILE B 45 26.56 -13.96 -10.74
CA ILE B 45 25.11 -13.97 -10.92
C ILE B 45 24.46 -14.43 -9.62
N ASP B 46 25.00 -15.50 -9.04
CA ASP B 46 24.52 -15.98 -7.74
C ASP B 46 24.70 -14.92 -6.67
N GLY B 47 25.63 -14.01 -6.87
CA GLY B 47 25.87 -12.97 -5.88
C GLY B 47 24.84 -11.87 -5.95
N ILE B 48 24.75 -11.25 -7.12
CA ILE B 48 23.84 -10.14 -7.34
C ILE B 48 22.39 -10.59 -7.11
N THR B 49 22.02 -11.73 -7.69
CA THR B 49 20.69 -12.29 -7.50
C THR B 49 20.33 -12.41 -6.00
N ASN B 50 21.21 -13.02 -5.21
CA ASN B 50 20.99 -13.09 -3.78
C ASN B 50 20.82 -11.71 -3.12
N LYS B 51 21.62 -10.75 -3.60
CA LYS B 51 21.55 -9.38 -3.11
C LYS B 51 20.14 -8.79 -3.27
N ILE B 52 19.59 -8.89 -4.48
CA ILE B 52 18.28 -8.33 -4.79
C ILE B 52 17.23 -8.87 -3.82
N ASN B 53 17.09 -10.20 -3.82
CA ASN B 53 16.17 -10.89 -2.94
C ASN B 53 16.31 -10.50 -1.47
N SER B 54 17.52 -10.19 -1.03
CA SER B 54 17.76 -9.84 0.37
C SER B 54 17.32 -8.42 0.69
N ILE B 55 17.48 -7.54 -0.30
CA ILE B 55 17.00 -6.17 -0.19
C ILE B 55 15.47 -6.15 -0.11
N ILE B 56 14.84 -6.95 -0.98
CA ILE B 56 13.40 -7.18 -0.96
C ILE B 56 12.89 -7.80 0.37
N ASP B 57 13.54 -8.86 0.84
CA ASP B 57 13.14 -9.53 2.09
C ASP B 57 13.28 -8.65 3.34
N LYS B 58 14.35 -7.85 3.41
CA LYS B 58 14.50 -6.95 4.55
C LYS B 58 13.36 -5.91 4.58
N MET B 59 12.79 -5.64 3.40
CA MET B 59 11.72 -4.65 3.24
C MET B 59 10.31 -5.26 3.32
N ASN B 60 10.23 -6.59 3.35
CA ASN B 60 8.91 -7.26 3.34
C ASN B 60 8.07 -6.99 4.59
N THR B 61 8.73 -6.67 5.70
CA THR B 61 8.04 -6.06 6.85
C THR B 61 8.51 -4.61 7.01
N GLN B 62 7.54 -3.71 6.90
CA GLN B 62 7.78 -2.28 7.13
C GLN B 62 6.43 -1.58 7.28
N PHE B 63 6.45 -0.35 7.79
CA PHE B 63 5.24 0.36 8.23
C PHE B 63 4.16 0.58 7.17
N GLU B 64 2.96 0.03 7.41
CA GLU B 64 1.80 0.29 6.55
C GLU B 64 0.85 1.31 7.19
N ALA B 65 0.55 2.37 6.45
CA ALA B 65 -0.35 3.41 6.92
C ALA B 65 -1.81 2.98 6.83
N VAL B 66 -2.63 3.53 7.73
CA VAL B 66 -4.08 3.31 7.70
C VAL B 66 -4.86 4.62 7.97
N GLY B 67 -5.95 4.80 7.23
CA GLY B 67 -6.83 5.95 7.41
C GLY B 67 -7.51 5.99 8.77
N ARG B 68 -7.47 7.16 9.39
CA ARG B 68 -8.13 7.38 10.67
C ARG B 68 -8.78 8.74 10.65
N GLU B 69 -10.02 8.82 11.14
CA GLU B 69 -10.82 10.04 11.14
C GLU B 69 -10.78 10.73 12.48
N PHE B 70 -10.69 12.06 12.47
CA PHE B 70 -10.79 12.84 13.70
C PHE B 70 -11.80 13.99 13.56
N ASN B 71 -12.46 14.36 14.66
CA ASN B 71 -13.43 15.44 14.54
C ASN B 71 -12.79 16.79 14.74
N ASN B 72 -13.62 17.82 14.81
CA ASN B 72 -13.14 19.20 14.81
C ASN B 72 -12.40 19.58 16.08
N LEU B 73 -12.64 18.82 17.15
CA LEU B 73 -11.96 19.08 18.42
C LEU B 73 -10.97 17.97 18.80
N GLU B 74 -10.46 17.27 17.81
CA GLU B 74 -9.41 16.30 18.02
C GLU B 74 -8.26 16.65 17.08
N ARG B 75 -7.96 17.94 17.00
CA ARG B 75 -6.93 18.42 16.10
C ARG B 75 -5.56 17.94 16.52
N ARG B 76 -5.33 17.91 17.83
CA ARG B 76 -4.03 17.52 18.38
C ARG B 76 -3.69 16.09 18.02
N ILE B 77 -4.58 15.14 18.35
CA ILE B 77 -4.27 13.76 17.99
C ILE B 77 -4.35 13.52 16.47
N GLU B 78 -5.12 14.33 15.75
CA GLU B 78 -5.11 14.21 14.30
C GLU B 78 -3.73 14.56 13.78
N ASN B 79 -3.17 15.66 14.28
CA ASN B 79 -1.85 16.13 13.87
C ASN B 79 -0.77 15.16 14.33
N LEU B 80 -0.92 14.63 15.54
CA LEU B 80 -0.02 13.58 16.01
C LEU B 80 -0.06 12.41 15.03
N ASN B 81 -1.26 11.90 14.76
CA ASN B 81 -1.44 10.85 13.76
C ASN B 81 -0.78 11.14 12.41
N LYS B 82 -0.74 12.41 12.01
CA LYS B 82 -0.28 12.76 10.68
C LYS B 82 1.23 12.74 10.68
N LYS B 83 1.82 13.40 11.66
CA LYS B 83 3.26 13.42 11.80
C LYS B 83 3.82 12.01 11.95
N MET B 84 3.09 11.17 12.68
CA MET B 84 3.55 9.79 12.93
C MET B 84 3.62 9.03 11.64
N GLU B 85 2.55 9.15 10.85
CA GLU B 85 2.50 8.42 9.59
C GLU B 85 3.45 8.94 8.50
N ASP B 86 3.71 10.25 8.48
CA ASP B 86 4.74 10.80 7.61
C ASP B 86 6.11 10.38 8.09
N GLY B 87 6.27 10.32 9.41
CA GLY B 87 7.55 9.96 10.00
C GLY B 87 8.03 8.64 9.45
N PHE B 88 7.18 7.63 9.48
CA PHE B 88 7.57 6.33 8.96
C PHE B 88 7.73 6.31 7.44
N LEU B 89 6.90 7.06 6.72
CA LEU B 89 7.07 7.13 5.28
C LEU B 89 8.42 7.75 4.94
N ASP B 90 8.78 8.82 5.64
CA ASP B 90 10.07 9.46 5.43
C ASP B 90 11.21 8.54 5.85
N VAL B 91 11.01 7.81 6.94
CA VAL B 91 12.02 6.86 7.41
C VAL B 91 12.27 5.75 6.39
N TRP B 92 11.20 5.08 5.93
CA TRP B 92 11.40 3.96 5.01
C TRP B 92 11.84 4.40 3.60
N THR B 93 11.40 5.58 3.17
CA THR B 93 11.89 6.14 1.92
C THR B 93 13.41 6.40 1.99
N TYR B 94 13.86 6.86 3.15
CA TYR B 94 15.29 7.09 3.33
C TYR B 94 16.04 5.77 3.29
N ASN B 95 15.57 4.78 4.06
CA ASN B 95 16.17 3.47 4.06
C ASN B 95 16.25 2.80 2.70
N ALA B 96 15.23 2.98 1.87
CA ALA B 96 15.26 2.33 0.58
C ALA B 96 16.21 3.08 -0.37
N GLU B 97 16.10 4.40 -0.43
CA GLU B 97 16.95 5.18 -1.34
C GLU B 97 18.43 5.02 -1.00
N LEU B 98 18.74 5.02 0.29
CA LEU B 98 20.10 4.86 0.75
C LEU B 98 20.61 3.43 0.53
N LEU B 99 19.77 2.43 0.81
CA LEU B 99 20.22 1.04 0.65
C LEU B 99 20.59 0.76 -0.81
N VAL B 100 19.77 1.28 -1.73
CA VAL B 100 20.03 1.17 -3.16
C VAL B 100 21.31 1.91 -3.61
N LEU B 101 21.44 3.16 -3.21
CA LEU B 101 22.65 3.95 -3.47
C LEU B 101 23.91 3.26 -2.97
N MET B 102 23.82 2.64 -1.79
CA MET B 102 24.99 2.00 -1.20
C MET B 102 25.29 0.69 -1.90
N GLU B 103 24.27 -0.15 -2.10
CA GLU B 103 24.54 -1.45 -2.68
C GLU B 103 24.87 -1.32 -4.16
N ASN B 104 24.48 -0.20 -4.77
CA ASN B 104 24.88 0.04 -6.15
C ASN B 104 26.38 0.17 -6.27
N GLU B 105 26.93 1.00 -5.42
CA GLU B 105 28.37 1.16 -5.33
C GLU B 105 29.03 -0.19 -5.10
N ARG B 106 28.53 -0.92 -4.11
CA ARG B 106 29.15 -2.20 -3.78
C ARG B 106 29.05 -3.18 -4.96
N THR B 107 28.04 -3.00 -5.80
CA THR B 107 27.84 -3.86 -6.94
C THR B 107 28.89 -3.59 -8.02
N LEU B 108 29.11 -2.32 -8.34
CA LEU B 108 30.01 -1.99 -9.44
C LEU B 108 31.47 -2.42 -9.11
N ASP B 109 31.95 -2.01 -7.95
CA ASP B 109 33.22 -2.44 -7.40
C ASP B 109 33.36 -3.96 -7.25
N PHE B 110 32.24 -4.65 -7.17
CA PHE B 110 32.26 -6.12 -7.12
C PHE B 110 32.65 -6.65 -8.49
N HIS B 111 32.03 -6.09 -9.54
CA HIS B 111 32.38 -6.45 -10.90
C HIS B 111 33.86 -6.11 -11.15
N ASP B 112 34.27 -4.91 -10.73
CA ASP B 112 35.64 -4.48 -10.79
C ASP B 112 36.55 -5.50 -10.09
N SER B 113 36.20 -5.90 -8.88
CA SER B 113 37.02 -6.89 -8.17
C SER B 113 37.05 -8.21 -8.94
N ASN B 114 35.89 -8.66 -9.39
CA ASN B 114 35.82 -9.94 -10.09
C ASN B 114 36.73 -10.01 -11.33
N VAL B 115 36.88 -8.89 -12.03
CA VAL B 115 37.72 -8.82 -13.23
C VAL B 115 39.21 -8.85 -12.88
N LYS B 116 39.62 -7.98 -11.97
CA LYS B 116 40.99 -7.97 -11.48
C LYS B 116 41.36 -9.31 -10.82
N ASN B 117 40.42 -9.96 -10.16
CA ASN B 117 40.70 -11.28 -9.61
C ASN B 117 40.93 -12.32 -10.71
N LEU B 118 40.26 -12.13 -11.85
CA LEU B 118 40.34 -13.05 -12.98
C LEU B 118 41.64 -12.84 -13.75
N TYR B 119 41.98 -11.57 -13.99
CA TYR B 119 43.27 -11.21 -14.52
C TYR B 119 44.40 -11.80 -13.66
N GLU B 120 44.30 -11.67 -12.34
CA GLU B 120 45.34 -12.20 -11.47
C GLU B 120 45.38 -13.73 -11.50
N LYS B 121 44.25 -14.38 -11.75
CA LYS B 121 44.20 -15.84 -11.80
C LYS B 121 45.03 -16.35 -12.99
N VAL B 122 45.12 -15.52 -14.03
CA VAL B 122 45.88 -15.83 -15.22
C VAL B 122 47.35 -15.47 -15.02
N ARG B 123 47.63 -14.20 -14.72
CA ARG B 123 48.99 -13.74 -14.45
C ARG B 123 49.77 -14.70 -13.56
N LEU B 124 49.17 -15.13 -12.45
CA LEU B 124 49.85 -16.04 -11.53
C LEU B 124 50.02 -17.44 -12.10
N GLN B 125 49.20 -17.81 -13.08
CA GLN B 125 49.38 -19.09 -13.75
C GLN B 125 50.58 -19.06 -14.70
N LEU B 126 50.61 -18.06 -15.56
CA LEU B 126 51.65 -17.93 -16.57
C LEU B 126 53.02 -17.59 -15.99
N ARG B 127 53.07 -16.59 -15.12
CA ARG B 127 54.34 -16.05 -14.60
C ARG B 127 55.25 -15.63 -15.73
N ASP B 128 56.51 -16.08 -15.70
CA ASP B 128 57.50 -15.70 -16.74
C ASP B 128 57.38 -16.45 -18.08
N ASN B 129 56.50 -17.45 -18.16
CA ASN B 129 56.19 -18.09 -19.44
C ASN B 129 55.41 -17.20 -20.39
N ALA B 130 55.19 -15.95 -19.98
CA ALA B 130 54.52 -14.94 -20.82
C ALA B 130 54.81 -13.54 -20.32
N LYS B 131 54.44 -12.55 -21.13
CA LYS B 131 54.72 -11.15 -20.87
C LYS B 131 53.41 -10.37 -20.62
N GLU B 132 53.34 -9.55 -19.57
CA GLU B 132 52.13 -8.73 -19.40
C GLU B 132 52.29 -7.35 -20.08
N LEU B 133 51.36 -7.02 -20.96
CA LEU B 133 51.44 -5.83 -21.80
C LEU B 133 50.93 -4.53 -21.15
N GLY B 134 50.17 -4.68 -20.07
CA GLY B 134 49.65 -3.54 -19.31
C GLY B 134 48.26 -3.07 -19.72
N ASN B 135 47.61 -3.88 -20.54
CA ASN B 135 46.31 -3.55 -21.11
C ASN B 135 45.35 -4.70 -20.83
N GLY B 136 45.82 -5.67 -20.06
CA GLY B 136 45.02 -6.83 -19.72
C GLY B 136 45.29 -7.97 -20.66
N CYS B 137 46.37 -7.86 -21.43
CA CYS B 137 46.75 -8.92 -22.36
C CYS B 137 48.07 -9.59 -21.95
N PHE B 138 48.13 -10.90 -22.14
CA PHE B 138 49.41 -11.59 -22.00
C PHE B 138 49.96 -12.08 -23.35
N GLU B 139 51.16 -11.62 -23.70
CA GLU B 139 51.94 -12.19 -24.81
C GLU B 139 52.74 -13.41 -24.36
N PHE B 140 52.41 -14.57 -24.93
CA PHE B 140 53.12 -15.81 -24.64
C PHE B 140 54.57 -15.87 -25.20
N TYR B 141 55.48 -16.33 -24.35
CA TYR B 141 56.86 -16.61 -24.72
C TYR B 141 56.97 -17.99 -25.38
N HIS B 142 55.91 -18.79 -25.24
CA HIS B 142 55.86 -20.08 -25.91
C HIS B 142 54.72 -20.15 -26.90
N LYS B 143 54.33 -21.37 -27.27
CA LYS B 143 53.28 -21.56 -28.25
C LYS B 143 52.05 -22.08 -27.56
N CYS B 144 50.99 -21.27 -27.63
CA CYS B 144 49.72 -21.68 -27.07
C CYS B 144 48.70 -21.91 -28.16
N ASP B 145 48.37 -23.19 -28.35
CA ASP B 145 47.35 -23.62 -29.28
C ASP B 145 45.96 -23.60 -28.63
N ASN B 146 44.91 -23.66 -29.46
CA ASN B 146 43.52 -23.68 -28.99
C ASN B 146 43.21 -24.87 -28.08
N GLU B 147 44.17 -25.29 -27.27
CA GLU B 147 44.01 -26.43 -26.37
C GLU B 147 44.89 -26.20 -25.15
N CYS B 148 45.98 -25.48 -25.35
CA CYS B 148 46.83 -25.02 -24.26
C CYS B 148 46.11 -23.92 -23.48
N MET B 149 45.38 -23.08 -24.21
CA MET B 149 44.69 -21.96 -23.61
C MET B 149 43.52 -22.39 -22.74
N GLU B 150 42.79 -23.40 -23.19
CA GLU B 150 41.70 -23.96 -22.40
C GLU B 150 42.20 -24.50 -21.05
N SER B 151 43.51 -24.71 -20.94
CA SER B 151 44.12 -25.17 -19.68
C SER B 151 44.26 -24.01 -18.70
N VAL B 152 44.70 -22.85 -19.20
CA VAL B 152 44.85 -21.66 -18.37
C VAL B 152 43.48 -21.11 -17.94
N LYS B 153 42.49 -21.25 -18.82
CA LYS B 153 41.11 -20.88 -18.53
C LYS B 153 40.47 -21.77 -17.46
N ASN B 154 40.60 -23.09 -17.63
CA ASN B 154 40.10 -24.05 -16.65
C ASN B 154 40.98 -24.09 -15.40
N GLY B 155 42.10 -23.36 -15.41
CA GLY B 155 43.04 -23.38 -14.32
C GLY B 155 44.02 -24.54 -14.36
N THR B 156 43.78 -25.48 -15.26
CA THR B 156 44.55 -26.72 -15.36
C THR B 156 45.79 -26.57 -16.26
N TYR B 157 46.66 -25.63 -15.92
CA TYR B 157 47.76 -25.25 -16.79
C TYR B 157 49.11 -25.77 -16.30
N ASP B 158 49.69 -26.72 -17.03
CA ASP B 158 50.97 -27.32 -16.65
C ASP B 158 52.15 -26.40 -16.98
N TYR B 159 52.63 -25.72 -15.94
CA TYR B 159 53.72 -24.75 -16.08
C TYR B 159 55.04 -25.31 -16.62
N PRO B 160 55.58 -26.40 -16.01
CA PRO B 160 56.89 -26.88 -16.49
C PRO B 160 56.88 -27.41 -17.93
N GLN B 161 55.73 -27.89 -18.40
CA GLN B 161 55.55 -28.40 -19.76
C GLN B 161 55.92 -27.39 -20.86
N TYR B 162 55.92 -26.12 -20.52
CA TYR B 162 56.22 -25.05 -21.49
C TYR B 162 57.38 -24.21 -20.99
N SER B 163 57.76 -24.43 -19.73
CA SER B 163 58.74 -23.61 -19.03
C SER B 163 60.05 -23.51 -19.80
N GLU B 164 60.57 -24.66 -20.21
CA GLU B 164 61.84 -24.74 -20.90
C GLU B 164 61.81 -24.03 -22.27
N GLU B 165 60.84 -24.37 -23.11
CA GLU B 165 60.68 -23.67 -24.38
C GLU B 165 60.64 -22.16 -24.19
N ALA B 166 59.78 -21.73 -23.26
CA ALA B 166 59.58 -20.32 -22.93
C ALA B 166 60.86 -19.58 -22.53
N ARG B 167 61.67 -20.23 -21.68
CA ARG B 167 62.90 -19.64 -21.16
C ARG B 167 63.85 -19.22 -22.28
N LEU B 168 63.95 -20.08 -23.30
CA LEU B 168 64.91 -19.87 -24.40
C LEU B 168 64.56 -18.72 -25.33
N ASN B 169 63.26 -18.40 -25.41
CA ASN B 169 62.77 -17.33 -26.30
C ASN B 169 62.80 -15.99 -25.57
N ARG B 170 62.75 -16.06 -24.24
CA ARG B 170 62.74 -14.88 -23.39
C ARG B 170 64.16 -14.35 -23.26
N GLU B 171 65.11 -15.28 -23.17
CA GLU B 171 66.53 -14.93 -23.12
C GLU B 171 67.10 -14.62 -24.51
N GLU B 172 66.43 -15.09 -25.56
CA GLU B 172 66.81 -14.81 -26.96
C GLU B 172 66.94 -13.32 -27.23
N ILE B 173 65.92 -12.56 -26.81
CA ILE B 173 65.94 -11.11 -26.85
C ILE B 173 66.90 -10.57 -25.77
N SER B 174 68.19 -10.72 -26.05
CA SER B 174 69.27 -10.25 -25.19
C SER B 174 70.63 -10.43 -25.90
N GLY B 175 71.28 -11.58 -25.65
CA GLY B 175 72.60 -11.85 -26.21
C GLY B 175 72.73 -11.74 -27.72
#